data_2IAY
#
_entry.id   2IAY
#
_cell.length_a   36.289
_cell.length_b   47.896
_cell.length_c   58.010
_cell.angle_alpha   90.000
_cell.angle_beta   90.000
_cell.angle_gamma   90.000
#
_symmetry.space_group_name_H-M   'P 21 21 21'
#
loop_
_entity.id
_entity.type
_entity.pdbx_description
1 polymer 'Hypothetical protein'
2 non-polymer 'CHLORIDE ION'
3 non-polymer GLYCEROL
4 water water
#
_entity_poly.entity_id   1
_entity_poly.type   'polypeptide(L)'
_entity_poly.pdbx_seq_one_letter_code
;G(MSE)AYTTTVKLDGDTKTYTLSPTVKKYTL(MSE)DLGFVKGRSGAFSFERSLDPTSPYQAAFKLK(MSE)TVNADLT
GFK(MSE)TTVTGNGVQRANIFKNDAHPEAVEQLRYILANFIERDILTTD
;
_entity_poly.pdbx_strand_id   A
#
# COMPACT_ATOMS: atom_id res chain seq x y z
N GLY A 1 -0.68 18.60 -8.92
CA GLY A 1 0.74 18.26 -8.68
C GLY A 1 1.04 16.84 -9.02
N ALA A 3 2.57 14.51 -6.61
CA ALA A 3 2.75 13.61 -5.47
C ALA A 3 1.86 12.37 -5.53
N TYR A 4 0.62 12.51 -5.95
CA TYR A 4 -0.22 11.35 -6.30
C TYR A 4 0.12 10.93 -7.71
N THR A 5 0.24 9.64 -7.92
CA THR A 5 0.66 9.11 -9.18
C THR A 5 -0.30 8.01 -9.66
N THR A 6 -0.12 7.54 -10.87
CA THR A 6 -0.93 6.40 -11.29
CA THR A 6 -0.86 6.41 -11.45
C THR A 6 -0.18 5.08 -11.10
N THR A 7 1.14 5.14 -10.97
CA THR A 7 1.97 4.00 -10.65
C THR A 7 2.89 4.31 -9.46
N VAL A 8 3.21 3.27 -8.68
CA VAL A 8 4.14 3.34 -7.58
C VAL A 8 5.01 2.11 -7.60
N LYS A 9 6.30 2.32 -7.40
CA LYS A 9 7.23 1.24 -7.19
C LYS A 9 7.78 1.38 -5.79
N LEU A 10 7.51 0.42 -4.91
CA LEU A 10 8.03 0.43 -3.57
C LEU A 10 9.54 0.39 -3.56
N ASP A 11 10.13 0.99 -2.52
CA ASP A 11 11.57 1.02 -2.44
C ASP A 11 12.11 -0.39 -2.52
N GLY A 12 13.03 -0.59 -3.46
CA GLY A 12 13.64 -1.88 -3.63
C GLY A 12 12.89 -2.91 -4.44
N ASP A 13 11.65 -2.65 -4.75
CA ASP A 13 10.85 -3.65 -5.41
C ASP A 13 11.24 -3.78 -6.89
N THR A 14 10.97 -4.95 -7.45
CA THR A 14 11.08 -5.16 -8.89
C THR A 14 9.74 -4.96 -9.62
N LYS A 15 8.63 -4.92 -8.90
CA LYS A 15 7.30 -4.74 -9.47
C LYS A 15 6.87 -3.30 -9.29
N THR A 16 6.07 -2.82 -10.22
CA THR A 16 5.38 -1.53 -10.13
CA THR A 16 5.36 -1.56 -10.03
C THR A 16 3.87 -1.83 -10.02
N TYR A 17 3.18 -1.08 -9.17
CA TYR A 17 1.74 -1.22 -9.03
C TYR A 17 1.09 -0.02 -9.67
N THR A 18 -0.01 -0.27 -10.37
CA THR A 18 -0.80 0.75 -11.03
C THR A 18 -2.19 0.81 -10.44
N LEU A 19 -2.69 2.01 -10.23
CA LEU A 19 -4.05 2.19 -9.74
C LEU A 19 -5.02 1.85 -10.88
N SER A 20 -6.02 1.04 -10.59
CA SER A 20 -7.00 0.71 -11.59
C SER A 20 -7.74 1.96 -12.03
N PRO A 21 -7.91 2.14 -13.37
CA PRO A 21 -8.68 3.27 -13.88
C PRO A 21 -10.18 3.14 -13.59
N THR A 22 -10.60 1.99 -13.07
CA THR A 22 -11.98 1.73 -12.74
C THR A 22 -12.19 1.50 -11.25
N VAL A 23 -11.25 1.96 -10.43
CA VAL A 23 -11.34 1.78 -8.98
C VAL A 23 -12.62 2.43 -8.43
N LYS A 24 -13.23 1.76 -7.47
CA LYS A 24 -14.52 2.18 -6.93
C LYS A 24 -14.41 2.48 -5.45
N LYS A 25 -15.07 3.58 -5.06
CA LYS A 25 -15.23 3.99 -3.65
C LYS A 25 -15.66 2.82 -2.79
N TYR A 26 -16.73 2.12 -3.17
CA TYR A 26 -17.28 1.11 -2.29
C TYR A 26 -16.35 -0.08 -2.19
N THR A 27 -15.60 -0.37 -3.27
CA THR A 27 -14.63 -1.44 -3.23
C THR A 27 -13.46 -1.09 -2.30
N LEU A 28 -12.97 0.15 -2.37
CA LEU A 28 -11.94 0.61 -1.42
C LEU A 28 -12.41 0.38 0.00
N ASP A 30 -14.73 -1.63 1.09
CA ASP A 30 -14.87 -3.07 1.33
C ASP A 30 -13.53 -3.73 1.66
N LEU A 31 -12.43 -3.20 1.14
CA LEU A 31 -11.09 -3.74 1.40
C LEU A 31 -10.41 -3.07 2.60
N GLY A 32 -11.10 -2.19 3.30
CA GLY A 32 -10.60 -1.67 4.54
C GLY A 32 -10.03 -0.26 4.49
N PHE A 33 -10.15 0.42 3.37
CA PHE A 33 -9.77 1.82 3.31
C PHE A 33 -10.81 2.66 4.06
N VAL A 34 -10.32 3.72 4.70
CA VAL A 34 -11.11 4.69 5.50
CA VAL A 34 -11.26 4.64 5.34
C VAL A 34 -11.11 6.03 4.77
N LYS A 35 -12.28 6.60 4.52
CA LYS A 35 -12.34 7.93 3.92
CA LYS A 35 -12.38 7.89 3.92
C LYS A 35 -12.24 8.97 4.99
N GLY A 36 -11.31 9.88 4.80
CA GLY A 36 -11.17 11.04 5.67
C GLY A 36 -12.10 12.17 5.29
N ARG A 37 -12.08 13.21 6.11
CA ARG A 37 -12.94 14.36 5.89
C ARG A 37 -12.62 15.04 4.55
N SER A 38 -11.37 15.02 4.10
CA SER A 38 -10.95 15.53 2.82
C SER A 38 -11.50 14.77 1.62
N GLY A 39 -11.96 13.54 1.83
CA GLY A 39 -12.41 12.66 0.77
C GLY A 39 -11.40 11.64 0.33
N ALA A 40 -10.15 11.79 0.75
CA ALA A 40 -9.12 10.80 0.43
C ALA A 40 -9.33 9.52 1.24
N PHE A 41 -8.79 8.41 0.74
CA PHE A 41 -8.94 7.09 1.34
C PHE A 41 -7.60 6.59 1.81
N SER A 42 -7.51 6.12 3.05
CA SER A 42 -6.23 5.62 3.55
CA SER A 42 -6.25 5.65 3.62
C SER A 42 -6.34 4.20 4.09
N PHE A 43 -5.22 3.49 4.06
CA PHE A 43 -5.10 2.10 4.47
C PHE A 43 -3.70 1.92 5.05
N GLU A 44 -3.62 1.20 6.15
CA GLU A 44 -2.32 0.91 6.76
CA GLU A 44 -2.34 0.92 6.80
C GLU A 44 -2.34 -0.48 7.37
N ARG A 45 -1.24 -1.19 7.19
CA ARG A 45 -1.06 -2.50 7.84
C ARG A 45 0.34 -2.67 8.37
N SER A 46 0.45 -3.21 9.58
CA SER A 46 1.70 -3.69 10.13
C SER A 46 2.21 -4.90 9.35
N LEU A 47 3.52 -4.99 9.25
CA LEU A 47 4.21 -6.12 8.68
C LEU A 47 5.21 -6.68 9.68
N ASP A 48 5.14 -8.01 9.86
CA ASP A 48 6.15 -8.78 10.61
C ASP A 48 6.49 -8.20 11.99
N PRO A 49 5.50 -8.07 12.86
CA PRO A 49 5.81 -7.62 14.23
C PRO A 49 6.46 -8.69 15.08
N THR A 50 7.23 -8.26 16.08
CA THR A 50 7.75 -9.17 17.05
C THR A 50 6.86 -9.30 18.30
N SER A 51 5.99 -8.32 18.52
CA SER A 51 5.05 -8.30 19.64
C SER A 51 4.02 -7.24 19.28
N PRO A 52 2.93 -7.11 20.04
CA PRO A 52 1.92 -6.14 19.66
C PRO A 52 2.47 -4.73 19.55
N TYR A 53 2.16 -4.08 18.44
CA TYR A 53 2.57 -2.69 18.19
C TYR A 53 4.08 -2.52 18.06
N GLN A 54 4.77 -3.60 17.70
CA GLN A 54 6.21 -3.58 17.42
C GLN A 54 6.42 -4.21 16.05
N ALA A 55 5.91 -3.52 15.04
CA ALA A 55 6.05 -3.95 13.65
C ALA A 55 7.46 -3.75 13.14
N ALA A 56 7.94 -4.64 12.29
CA ALA A 56 9.18 -4.36 11.57
C ALA A 56 8.97 -3.21 10.57
N PHE A 57 7.82 -3.22 9.90
CA PHE A 57 7.49 -2.28 8.86
C PHE A 57 6.00 -2.00 8.88
N LYS A 58 5.59 -0.97 8.16
CA LYS A 58 4.18 -0.77 7.82
C LYS A 58 4.05 -0.50 6.36
N LEU A 59 2.95 -0.96 5.81
CA LEU A 59 2.51 -0.63 4.47
C LEU A 59 1.43 0.45 4.62
N LYS A 60 1.60 1.58 3.92
CA LYS A 60 0.65 2.65 3.88
C LYS A 60 0.24 2.97 2.45
N THR A 62 -2.61 5.61 0.22
CA THR A 62 -3.68 6.63 0.15
C THR A 62 -4.10 6.79 -1.30
N VAL A 63 -5.40 6.81 -1.53
CA VAL A 63 -5.98 7.17 -2.81
C VAL A 63 -6.60 8.55 -2.72
N ASN A 64 -6.35 9.39 -3.71
CA ASN A 64 -6.87 10.75 -3.66
C ASN A 64 -8.41 10.77 -3.73
N ALA A 65 -8.99 11.90 -3.38
CA ALA A 65 -10.43 12.04 -3.29
C ALA A 65 -11.10 11.84 -4.64
N ASP A 66 -10.39 12.15 -5.73
CA ASP A 66 -10.94 12.02 -7.06
C ASP A 66 -10.83 10.59 -7.63
N LEU A 67 -10.17 9.70 -6.91
CA LEU A 67 -10.03 8.30 -7.30
C LEU A 67 -9.14 8.09 -8.52
N THR A 68 -8.27 9.07 -8.80
CA THR A 68 -7.47 9.05 -10.01
C THR A 68 -5.96 8.98 -9.73
N GLY A 69 -5.54 9.01 -8.47
CA GLY A 69 -4.12 8.87 -8.17
C GLY A 69 -3.93 8.30 -6.79
N PHE A 70 -2.73 7.76 -6.52
CA PHE A 70 -2.46 7.15 -5.23
C PHE A 70 -1.02 7.38 -4.82
N LYS A 71 -0.77 7.03 -3.56
CA LYS A 71 0.51 6.98 -2.93
C LYS A 71 0.60 5.67 -2.18
N THR A 73 3.67 3.40 0.24
CA THR A 73 5.01 3.37 0.82
CA THR A 73 5.03 3.33 0.78
C THR A 73 5.17 2.25 1.83
N THR A 74 6.40 1.81 2.03
CA THR A 74 6.82 1.00 3.16
C THR A 74 7.66 1.85 4.06
N VAL A 75 7.33 1.79 5.32
CA VAL A 75 8.05 2.53 6.37
C VAL A 75 8.40 1.55 7.46
N THR A 76 9.28 1.97 8.36
CA THR A 76 9.58 1.13 9.52
C THR A 76 8.39 1.14 10.49
N GLY A 77 8.49 0.39 11.59
CA GLY A 77 7.42 0.32 12.57
C GLY A 77 7.05 1.62 13.25
N ASN A 78 7.90 2.65 13.14
CA ASN A 78 7.55 3.98 13.64
C ASN A 78 6.56 4.74 12.74
N GLY A 79 6.27 4.17 11.56
CA GLY A 79 5.28 4.70 10.65
C GLY A 79 5.71 5.86 9.80
N VAL A 80 6.98 6.27 9.90
CA VAL A 80 7.50 7.44 9.18
C VAL A 80 8.72 7.19 8.32
N GLN A 81 9.76 6.56 8.89
CA GLN A 81 11.02 6.35 8.19
CA GLN A 81 11.02 6.38 8.23
C GLN A 81 10.83 5.43 7.02
N ARG A 82 11.25 5.84 5.81
CA ARG A 82 11.23 4.99 4.62
C ARG A 82 12.05 3.72 4.83
N ALA A 83 11.51 2.62 4.37
CA ALA A 83 12.12 1.32 4.47
C ALA A 83 12.12 0.67 3.12
N ASN A 84 13.10 -0.20 2.95
CA ASN A 84 13.26 -1.04 1.76
C ASN A 84 13.22 -2.47 2.21
N ILE A 85 12.08 -3.13 1.98
CA ILE A 85 11.93 -4.50 2.48
C ILE A 85 12.44 -5.54 1.48
N PHE A 86 12.86 -5.13 0.29
CA PHE A 86 13.23 -6.09 -0.81
C PHE A 86 14.71 -6.31 -1.04
N LYS A 87 15.49 -5.25 -0.81
CA LYS A 87 16.95 -5.27 -1.04
C LYS A 87 17.61 -6.50 -0.46
N ASN A 88 18.31 -7.25 -1.34
CA ASN A 88 19.01 -8.49 -1.00
C ASN A 88 18.12 -9.55 -0.36
N ASP A 89 16.82 -9.42 -0.58
CA ASP A 89 15.84 -10.38 -0.04
C ASP A 89 16.01 -10.61 1.44
N ALA A 90 16.26 -9.52 2.17
CA ALA A 90 16.56 -9.59 3.59
C ALA A 90 15.35 -9.72 4.50
N HIS A 91 14.13 -9.53 3.96
CA HIS A 91 12.90 -9.56 4.76
C HIS A 91 11.80 -10.36 4.09
N PRO A 92 12.06 -11.64 3.89
CA PRO A 92 11.08 -12.43 3.15
C PRO A 92 9.69 -12.56 3.81
N GLU A 93 9.63 -12.65 5.14
CA GLU A 93 8.31 -12.76 5.77
C GLU A 93 7.50 -11.47 5.54
N ALA A 94 8.12 -10.32 5.69
CA ALA A 94 7.45 -9.04 5.45
C ALA A 94 7.00 -8.97 4.00
N VAL A 95 7.85 -9.38 3.07
CA VAL A 95 7.48 -9.37 1.65
C VAL A 95 6.30 -10.30 1.40
N GLU A 96 6.31 -11.50 1.98
CA GLU A 96 5.16 -12.38 1.77
C GLU A 96 3.86 -11.78 2.28
N GLN A 97 3.92 -11.14 3.45
CA GLN A 97 2.72 -10.52 4.01
C GLN A 97 2.26 -9.36 3.14
N LEU A 98 3.18 -8.53 2.72
CA LEU A 98 2.85 -7.43 1.80
C LEU A 98 2.20 -7.92 0.53
N ARG A 99 2.80 -8.94 -0.06
CA ARG A 99 2.22 -9.50 -1.29
C ARG A 99 0.83 -10.08 -1.09
N TYR A 100 0.60 -10.71 0.06
CA TYR A 100 -0.70 -11.25 0.41
C TYR A 100 -1.75 -10.14 0.47
N ILE A 101 -1.42 -9.05 1.15
CA ILE A 101 -2.30 -7.93 1.27
C ILE A 101 -2.63 -7.36 -0.10
N LEU A 102 -1.59 -7.10 -0.90
CA LEU A 102 -1.79 -6.51 -2.22
C LEU A 102 -2.47 -7.43 -3.20
N ALA A 103 -2.35 -8.74 -3.02
CA ALA A 103 -3.02 -9.67 -3.91
C ALA A 103 -4.52 -9.47 -3.82
N ASN A 104 -5.04 -9.15 -2.65
CA ASN A 104 -6.46 -8.87 -2.51
C ASN A 104 -6.87 -7.60 -3.32
N PHE A 105 -5.98 -6.61 -3.34
CA PHE A 105 -6.25 -5.40 -4.09
C PHE A 105 -6.22 -5.69 -5.61
N ILE A 106 -5.35 -6.61 -6.02
CA ILE A 106 -5.31 -7.03 -7.45
C ILE A 106 -6.60 -7.77 -7.82
N GLU A 107 -7.05 -8.65 -6.94
CA GLU A 107 -8.28 -9.43 -7.20
C GLU A 107 -9.58 -8.64 -7.20
N ARG A 108 -9.54 -7.46 -6.59
CA ARG A 108 -10.73 -6.63 -6.43
CA ARG A 108 -10.74 -6.62 -6.44
C ARG A 108 -10.65 -5.32 -7.21
N ASP A 109 -9.80 -5.26 -8.24
CA ASP A 109 -9.79 -4.11 -9.16
C ASP A 109 -9.41 -2.81 -8.48
N ILE A 110 -8.42 -2.87 -7.59
CA ILE A 110 -7.83 -1.68 -7.00
C ILE A 110 -6.48 -1.36 -7.61
N LEU A 111 -5.63 -2.39 -7.69
CA LEU A 111 -4.28 -2.27 -8.28
C LEU A 111 -4.10 -3.33 -9.36
N THR A 112 -3.21 -3.03 -10.30
CA THR A 112 -2.65 -4.04 -11.20
C THR A 112 -1.13 -3.97 -11.14
N THR A 113 -0.46 -4.95 -11.70
CA THR A 113 0.97 -4.87 -11.90
CA THR A 113 0.99 -5.01 -11.86
C THR A 113 1.30 -5.42 -13.28
N ASP A 114 2.55 -5.26 -13.72
CA ASP A 114 2.88 -5.68 -15.09
C ASP A 114 2.89 -7.21 -15.21
#